data_4RCO
#
_entry.id   4RCO
#
_cell.length_a   33.983
_cell.length_b   88.904
_cell.length_c   153.839
_cell.angle_alpha   90.00
_cell.angle_beta   90.00
_cell.angle_gamma   90.00
#
_symmetry.space_group_name_H-M   'P 21 21 21'
#
loop_
_entity.id
_entity.type
_entity.pdbx_description
1 polymer 'Putative uncharacterized protein'
2 branched 'N-acetyl-alpha-neuraminic acid-(2-3)-beta-D-galactopyranose-(1-4)-[alpha-L-fucopyranose-(1-3)]2-acetamido-2-deoxy-alpha-D-glucopyranose'
3 non-polymer 'CHLORIDE ION'
4 water water
#
_entity_poly.entity_id   1
_entity_poly.type   'polypeptide(L)'
_entity_poly.pdbx_seq_one_letter_code
;MGSSHHHHHHENLYFQGTTLSSTKVEAPQSTPPSTKIEAPQSKPNATTPPSTKVEAPQQTANATTPPSTKVTTPPSTNTP
QPMQSTKSDTPQSPTTKQVPTEINPKFKDLRAYYTKPSLEFKNEIGIILKKWTTIRFMNVVPDYFIYKIALVGKDDKKYG
EGVHRNVDVFVVLEENNYNLEKYSVGGITKSNSKKVDHKAGVRITKEDNKGTISHDVSEFKITKEQISLKELDFKLRKQL
IEKNNLYGNVGSGKIVIKMKNGGKYTFELHKKLQENRMADVIDGTNIDNIEVNIK
;
_entity_poly.pdbx_strand_id   A,B
#
# COMPACT_ATOMS: atom_id res chain seq x y z
N ASN A 104 -42.23 4.79 -11.02
CA ASN A 104 -42.17 6.22 -10.58
C ASN A 104 -41.21 6.41 -9.37
N PRO A 105 -41.61 5.93 -8.17
CA PRO A 105 -40.78 6.15 -6.96
C PRO A 105 -39.39 5.54 -7.05
N LYS A 106 -39.30 4.30 -7.55
CA LYS A 106 -38.00 3.60 -7.65
C LYS A 106 -36.97 4.27 -8.56
N PHE A 107 -37.44 5.04 -9.57
CA PHE A 107 -36.50 5.65 -10.51
C PHE A 107 -35.52 6.62 -9.86
N LYS A 108 -35.99 7.40 -8.90
N LYS A 108 -35.98 7.40 -8.89
CA LYS A 108 -35.13 8.39 -8.21
CA LYS A 108 -35.12 8.40 -8.24
C LYS A 108 -33.79 7.83 -7.78
C LYS A 108 -33.79 7.83 -7.79
N ASP A 109 -33.85 6.78 -6.97
CA ASP A 109 -32.66 6.14 -6.41
C ASP A 109 -31.75 5.61 -7.51
N LEU A 110 -32.32 4.92 -8.49
CA LEU A 110 -31.51 4.37 -9.59
C LEU A 110 -30.85 5.46 -10.43
N ARG A 111 -31.60 6.53 -10.73
CA ARG A 111 -31.04 7.61 -11.55
C ARG A 111 -29.86 8.27 -10.82
N ALA A 112 -29.97 8.42 -9.51
CA ALA A 112 -28.92 9.03 -8.70
C ALA A 112 -27.69 8.13 -8.68
N TYR A 113 -27.90 6.83 -8.47
CA TYR A 113 -26.75 5.94 -8.39
C TYR A 113 -26.02 5.88 -9.72
N TYR A 114 -26.77 5.70 -10.81
CA TYR A 114 -26.15 5.56 -12.11
C TYR A 114 -25.68 6.86 -12.81
N THR A 115 -25.79 7.99 -12.12
CA THR A 115 -25.23 9.25 -12.58
C THR A 115 -24.06 9.63 -11.67
N LYS A 116 -23.69 8.74 -10.75
CA LYS A 116 -22.53 9.01 -9.92
C LYS A 116 -21.26 9.10 -10.76
N PRO A 117 -20.27 9.84 -10.28
CA PRO A 117 -19.02 9.89 -11.02
C PRO A 117 -18.20 8.59 -10.78
N SER A 118 -17.47 8.13 -11.79
CA SER A 118 -16.62 6.99 -11.68
C SER A 118 -15.17 7.34 -11.94
N LEU A 119 -14.28 6.42 -11.57
CA LEU A 119 -12.85 6.58 -11.78
C LEU A 119 -12.31 5.28 -12.30
N GLU A 120 -11.25 5.36 -13.12
CA GLU A 120 -10.64 4.16 -13.64
C GLU A 120 -9.18 4.16 -13.33
N PHE A 121 -8.72 3.12 -12.66
CA PHE A 121 -7.32 3.01 -12.35
C PHE A 121 -6.83 1.81 -13.10
N LYS A 122 -5.67 1.94 -13.72
CA LYS A 122 -5.14 0.85 -14.49
C LYS A 122 -3.67 0.61 -14.17
N ASN A 123 -3.24 -0.62 -14.35
CA ASN A 123 -1.86 -1.01 -14.12
C ASN A 123 -1.35 -0.63 -12.73
N GLU A 124 -2.17 -0.88 -11.72
CA GLU A 124 -1.83 -0.58 -10.35
C GLU A 124 -1.47 -1.85 -9.61
N ILE A 125 -1.13 -1.69 -8.33
CA ILE A 125 -0.90 -2.86 -7.50
C ILE A 125 -1.95 -2.81 -6.39
N GLY A 126 -2.46 -3.98 -6.02
CA GLY A 126 -3.43 -4.09 -4.92
C GLY A 126 -2.73 -4.65 -3.67
N ILE A 127 -3.10 -4.10 -2.52
CA ILE A 127 -2.51 -4.48 -1.24
C ILE A 127 -3.61 -4.97 -0.27
N ILE A 128 -3.49 -6.22 0.15
CA ILE A 128 -4.46 -6.84 1.04
C ILE A 128 -3.80 -7.22 2.36
N LEU A 129 -4.34 -6.67 3.43
CA LEU A 129 -3.82 -6.88 4.77
C LEU A 129 -4.71 -7.84 5.52
N LYS A 130 -4.38 -8.16 6.78
CA LYS A 130 -5.20 -9.12 7.53
C LYS A 130 -6.63 -8.64 7.63
N LYS A 131 -7.57 -9.60 7.54
CA LYS A 131 -8.99 -9.32 7.69
C LYS A 131 -9.16 -8.59 9.02
N TRP A 132 -9.81 -7.45 9.00
CA TRP A 132 -10.00 -6.68 10.24
C TRP A 132 -11.46 -6.38 10.46
N THR A 133 -12.30 -6.82 9.52
CA THR A 133 -13.72 -6.67 9.61
C THR A 133 -14.40 -7.81 8.82
N THR A 134 -15.73 -7.76 8.78
N THR A 134 -15.73 -7.79 8.79
CA THR A 134 -16.58 -8.76 8.15
CA THR A 134 -16.51 -8.84 8.13
C THR A 134 -16.33 -9.03 6.65
C THR A 134 -16.17 -9.07 6.66
N ILE A 135 -15.92 -8.02 5.90
CA ILE A 135 -15.56 -8.21 4.49
C ILE A 135 -14.10 -7.77 4.34
N ARG A 136 -13.42 -8.34 3.38
CA ARG A 136 -12.02 -8.01 3.14
C ARG A 136 -11.94 -6.94 2.06
N PHE A 137 -10.82 -6.22 2.02
CA PHE A 137 -10.63 -5.15 1.06
C PHE A 137 -9.29 -5.20 0.34
N MET A 138 -9.28 -4.74 -0.90
CA MET A 138 -8.04 -4.56 -1.60
C MET A 138 -7.81 -3.07 -1.57
N ASN A 139 -6.65 -2.67 -1.11
CA ASN A 139 -6.26 -1.27 -1.05
C ASN A 139 -5.50 -0.92 -2.33
N VAL A 140 -5.91 0.18 -2.98
CA VAL A 140 -5.27 0.63 -4.22
C VAL A 140 -4.90 2.10 -4.00
N VAL A 141 -3.65 2.42 -4.28
CA VAL A 141 -3.11 3.76 -4.05
C VAL A 141 -2.43 4.27 -5.32
N PRO A 142 -3.24 4.80 -6.26
CA PRO A 142 -2.76 5.32 -7.53
C PRO A 142 -1.93 6.59 -7.38
N ASP A 143 -2.46 7.53 -6.58
N ASP A 143 -2.39 7.55 -6.59
CA ASP A 143 -1.87 8.84 -6.40
CA ASP A 143 -1.57 8.72 -6.32
C ASP A 143 -2.01 9.49 -5.01
C ASP A 143 -1.20 8.72 -4.85
N TYR A 144 -1.49 8.83 -3.99
N TYR A 144 -1.86 9.56 -4.06
CA TYR A 144 -1.43 9.45 -2.65
CA TYR A 144 -1.53 9.61 -2.67
C TYR A 144 -2.71 9.44 -1.77
C TYR A 144 -2.76 9.51 -1.78
N PHE A 145 -3.72 8.70 -2.20
CA PHE A 145 -4.97 8.47 -1.43
C PHE A 145 -5.26 6.99 -1.55
N ILE A 146 -5.74 6.38 -0.48
CA ILE A 146 -6.01 4.96 -0.46
C ILE A 146 -7.45 4.68 -0.90
N TYR A 147 -7.61 3.85 -1.92
CA TYR A 147 -8.94 3.42 -2.33
C TYR A 147 -9.20 2.06 -1.72
N LYS A 148 -10.32 1.92 -1.02
CA LYS A 148 -10.70 0.63 -0.41
C LYS A 148 -11.78 -0.08 -1.27
N ILE A 149 -11.37 -1.16 -1.93
CA ILE A 149 -12.26 -1.93 -2.82
C ILE A 149 -12.76 -3.17 -2.10
N ALA A 150 -14.06 -3.22 -1.83
CA ALA A 150 -14.66 -4.38 -1.18
C ALA A 150 -14.51 -5.61 -2.08
N LEU A 151 -14.12 -6.71 -1.46
CA LEU A 151 -13.94 -7.99 -2.10
C LEU A 151 -15.20 -8.82 -1.90
N VAL A 152 -16.05 -8.80 -2.92
CA VAL A 152 -17.32 -9.46 -2.92
C VAL A 152 -17.36 -10.56 -3.96
N GLY A 153 -18.33 -11.44 -3.81
CA GLY A 153 -18.56 -12.54 -4.73
C GLY A 153 -17.33 -13.36 -4.91
N LYS A 154 -16.92 -13.57 -6.17
CA LYS A 154 -15.74 -14.40 -6.48
C LYS A 154 -14.42 -13.78 -6.06
N ASP A 155 -14.38 -12.47 -5.86
CA ASP A 155 -13.14 -11.81 -5.51
C ASP A 155 -12.59 -12.22 -4.15
N ASP A 156 -13.43 -12.62 -3.20
CA ASP A 156 -12.92 -12.96 -1.87
C ASP A 156 -11.90 -14.10 -1.92
N LYS A 157 -12.27 -15.20 -2.60
N LYS A 157 -12.25 -15.21 -2.59
CA LYS A 157 -11.36 -16.35 -2.74
CA LYS A 157 -11.32 -16.32 -2.71
C LYS A 157 -10.26 -16.08 -3.77
C LYS A 157 -10.22 -16.04 -3.74
N LYS A 158 -10.51 -15.15 -4.69
CA LYS A 158 -9.54 -14.84 -5.75
C LYS A 158 -8.32 -14.08 -5.26
N TYR A 159 -8.48 -13.23 -4.26
CA TYR A 159 -7.34 -12.44 -3.79
C TYR A 159 -7.05 -12.68 -2.33
N GLY A 160 -5.93 -13.35 -2.04
CA GLY A 160 -5.51 -13.60 -0.68
C GLY A 160 -4.69 -12.43 -0.17
N GLU A 161 -4.22 -12.54 1.07
CA GLU A 161 -3.36 -11.52 1.65
C GLU A 161 -2.14 -11.33 0.81
N GLY A 162 -1.63 -10.11 0.79
CA GLY A 162 -0.42 -9.82 0.06
C GLY A 162 -0.61 -8.81 -1.04
N VAL A 163 0.34 -8.82 -1.96
CA VAL A 163 0.39 -7.88 -3.05
C VAL A 163 -0.06 -8.53 -4.35
N HIS A 164 -0.89 -7.80 -5.09
CA HIS A 164 -1.44 -8.25 -6.33
C HIS A 164 -1.07 -7.23 -7.40
N ARG A 165 -0.31 -7.69 -8.38
CA ARG A 165 0.21 -6.87 -9.48
C ARG A 165 -0.76 -6.90 -10.65
N ASN A 166 -0.59 -5.99 -11.60
CA ASN A 166 -1.42 -5.99 -12.78
C ASN A 166 -2.92 -5.90 -12.45
N VAL A 167 -3.27 -4.98 -11.57
CA VAL A 167 -4.65 -4.73 -11.21
C VAL A 167 -5.20 -3.46 -11.85
N ASP A 168 -6.38 -3.59 -12.46
CA ASP A 168 -7.19 -2.44 -12.97
C ASP A 168 -8.43 -2.39 -12.09
N VAL A 169 -8.91 -1.19 -11.78
CA VAL A 169 -10.14 -1.07 -10.99
C VAL A 169 -11.05 -0.01 -11.58
N PHE A 170 -12.34 -0.38 -11.71
CA PHE A 170 -13.39 0.52 -12.14
C PHE A 170 -14.05 0.88 -10.84
N VAL A 171 -13.90 2.16 -10.48
CA VAL A 171 -14.33 2.68 -9.19
C VAL A 171 -15.55 3.61 -9.22
N VAL A 172 -16.50 3.33 -8.32
CA VAL A 172 -17.66 4.16 -8.10
C VAL A 172 -17.76 4.37 -6.59
N LEU A 173 -17.30 5.51 -6.11
CA LEU A 173 -17.33 5.77 -4.68
C LEU A 173 -18.77 5.84 -4.20
N GLU A 174 -19.04 5.25 -3.05
CA GLU A 174 -20.38 5.28 -2.50
C GLU A 174 -20.42 5.18 -0.99
N GLU A 175 -21.58 5.45 -0.41
N GLU A 175 -21.58 5.44 -0.43
CA GLU A 175 -21.74 5.38 1.03
CA GLU A 175 -21.78 5.37 1.02
C GLU A 175 -21.59 3.95 1.48
C GLU A 175 -21.57 3.94 1.47
N ASN A 176 -21.17 3.78 2.73
CA ASN A 176 -20.97 2.49 3.29
C ASN A 176 -21.17 2.53 4.80
N ASN A 177 -21.30 1.35 5.38
CA ASN A 177 -21.51 1.19 6.83
C ASN A 177 -20.21 1.00 7.61
N TYR A 178 -19.07 1.11 6.93
CA TYR A 178 -17.76 0.89 7.56
C TYR A 178 -16.99 2.14 7.93
N ASN A 179 -17.56 3.32 7.78
CA ASN A 179 -16.84 4.56 8.07
C ASN A 179 -15.60 4.73 7.17
N LEU A 180 -15.74 4.42 5.88
CA LEU A 180 -14.62 4.56 4.91
C LEU A 180 -14.93 5.70 3.95
N GLU A 181 -13.92 6.52 3.65
N GLU A 181 -13.91 6.51 3.65
CA GLU A 181 -14.08 7.71 2.79
CA GLU A 181 -14.07 7.70 2.78
C GLU A 181 -14.02 7.47 1.27
C GLU A 181 -14.03 7.45 1.28
N LYS A 182 -13.21 6.51 0.84
CA LYS A 182 -13.05 6.19 -0.59
C LYS A 182 -13.28 4.69 -0.82
N TYR A 183 -14.54 4.29 -0.70
CA TYR A 183 -15.00 2.93 -0.79
C TYR A 183 -15.72 2.67 -2.10
N SER A 184 -15.44 1.52 -2.70
CA SER A 184 -16.12 1.11 -3.94
C SER A 184 -16.22 -0.43 -3.89
N VAL A 185 -17.18 -0.98 -4.64
CA VAL A 185 -17.44 -2.42 -4.58
C VAL A 185 -17.13 -3.10 -5.89
N GLY A 186 -16.28 -4.13 -5.84
CA GLY A 186 -15.95 -4.92 -7.05
C GLY A 186 -15.19 -4.14 -8.09
N GLY A 187 -15.41 -4.49 -9.36
CA GLY A 187 -14.78 -3.82 -10.47
C GLY A 187 -13.27 -4.08 -10.65
N ILE A 188 -12.78 -5.17 -10.10
CA ILE A 188 -11.36 -5.48 -10.24
C ILE A 188 -11.10 -6.43 -11.40
N THR A 189 -10.14 -6.08 -12.25
CA THR A 189 -9.77 -6.92 -13.37
C THR A 189 -8.25 -6.99 -13.52
N LYS A 190 -7.80 -7.89 -14.38
CA LYS A 190 -6.39 -8.01 -14.72
C LYS A 190 -6.05 -6.99 -15.82
N SER A 191 -4.96 -6.27 -15.67
CA SER A 191 -4.56 -5.27 -16.66
C SER A 191 -4.33 -5.90 -18.03
N ASN A 192 -4.45 -5.08 -19.07
CA ASN A 192 -4.22 -5.56 -20.42
C ASN A 192 -2.79 -6.07 -20.64
N SER A 193 -2.63 -7.16 -21.37
CA SER A 193 -1.30 -7.61 -21.80
C SER A 193 -0.82 -6.61 -22.90
N LYS A 194 -1.76 -6.13 -23.72
CA LYS A 194 -1.48 -5.12 -24.74
C LYS A 194 -2.71 -4.28 -25.08
N LYS A 195 -2.55 -3.27 -25.92
CA LYS A 195 -3.68 -2.38 -26.24
C LYS A 195 -4.85 -3.14 -26.84
N VAL A 196 -6.05 -2.73 -26.46
CA VAL A 196 -7.30 -3.27 -27.06
C VAL A 196 -8.04 -2.11 -27.68
N ASP A 197 -8.50 -2.29 -28.91
CA ASP A 197 -9.19 -1.26 -29.69
C ASP A 197 -10.35 -2.01 -30.34
N HIS A 198 -11.39 -2.24 -29.56
CA HIS A 198 -12.52 -3.03 -30.00
C HIS A 198 -13.82 -2.28 -29.73
N LYS A 199 -14.92 -2.76 -30.30
CA LYS A 199 -16.19 -2.06 -30.13
C LYS A 199 -17.36 -3.01 -30.33
N ALA A 200 -18.51 -2.65 -29.75
CA ALA A 200 -19.73 -3.47 -29.87
C ALA A 200 -20.92 -2.57 -30.13
N GLY A 201 -21.76 -2.96 -31.09
CA GLY A 201 -22.97 -2.18 -31.41
C GLY A 201 -24.02 -2.34 -30.31
N VAL A 202 -24.68 -1.25 -29.97
CA VAL A 202 -25.73 -1.27 -28.97
C VAL A 202 -27.05 -0.99 -29.72
N ARG A 203 -28.02 -1.90 -29.55
N ARG A 203 -28.01 -1.89 -29.54
CA ARG A 203 -29.34 -1.77 -30.15
CA ARG A 203 -29.34 -1.76 -30.12
C ARG A 203 -30.35 -1.49 -29.02
C ARG A 203 -30.34 -1.47 -28.99
N ILE A 204 -30.97 -0.31 -29.04
CA ILE A 204 -31.91 0.10 -27.98
C ILE A 204 -33.35 0.23 -28.48
N THR A 205 -34.22 -0.54 -27.85
CA THR A 205 -35.65 -0.51 -28.10
C THR A 205 -36.22 0.11 -26.87
N LYS A 206 -37.07 1.12 -27.07
CA LYS A 206 -37.70 1.79 -25.95
C LYS A 206 -39.16 1.99 -26.21
N GLU A 207 -39.97 1.70 -25.19
CA GLU A 207 -41.41 1.91 -25.24
C GLU A 207 -41.71 2.97 -24.19
N ASP A 208 -42.04 4.18 -24.65
CA ASP A 208 -42.33 5.28 -23.72
C ASP A 208 -43.62 5.04 -22.93
N ASN A 209 -43.85 5.87 -21.93
CA ASN A 209 -45.04 5.73 -21.09
C ASN A 209 -46.36 6.04 -21.84
N LYS A 210 -46.29 6.11 -23.17
CA LYS A 210 -47.44 6.35 -24.03
C LYS A 210 -47.67 5.21 -25.03
N GLY A 211 -46.80 4.20 -25.06
CA GLY A 211 -46.98 3.05 -25.96
C GLY A 211 -46.16 3.07 -27.24
N THR A 212 -45.56 4.21 -27.54
CA THR A 212 -44.72 4.34 -28.72
C THR A 212 -43.42 3.55 -28.57
N ILE A 213 -43.09 2.76 -29.60
CA ILE A 213 -41.89 1.95 -29.64
C ILE A 213 -40.86 2.59 -30.58
N SER A 214 -39.70 2.92 -30.04
CA SER A 214 -38.61 3.59 -30.78
C SER A 214 -37.35 2.74 -30.75
N HIS A 215 -36.40 3.10 -31.62
CA HIS A 215 -35.14 2.41 -31.75
C HIS A 215 -34.00 3.39 -31.89
N ASP A 216 -32.87 3.06 -31.26
CA ASP A 216 -31.69 3.89 -31.32
C ASP A 216 -30.52 2.92 -31.37
N VAL A 217 -29.40 3.39 -31.84
CA VAL A 217 -28.18 2.60 -31.94
C VAL A 217 -27.02 3.43 -31.44
N SER A 218 -26.06 2.77 -30.81
CA SER A 218 -24.82 3.44 -30.43
C SER A 218 -23.70 2.41 -30.56
N GLU A 219 -22.48 2.84 -30.28
CA GLU A 219 -21.33 1.98 -30.39
C GLU A 219 -20.52 2.08 -29.09
N PHE A 220 -20.45 0.97 -28.35
CA PHE A 220 -19.76 0.91 -27.08
C PHE A 220 -18.29 0.54 -27.32
N LYS A 221 -17.38 1.44 -26.93
CA LYS A 221 -15.96 1.25 -27.19
C LYS A 221 -15.31 0.39 -26.10
N ILE A 222 -14.59 -0.64 -26.51
CA ILE A 222 -13.96 -1.57 -25.58
C ILE A 222 -12.44 -1.47 -25.73
N THR A 223 -11.79 -1.09 -24.62
CA THR A 223 -10.34 -0.90 -24.59
C THR A 223 -9.63 -1.79 -23.56
N LYS A 224 -10.35 -2.75 -22.99
CA LYS A 224 -9.82 -3.70 -22.00
C LYS A 224 -10.08 -5.16 -22.38
N GLU A 225 -9.08 -6.03 -22.18
CA GLU A 225 -9.16 -7.48 -22.41
C GLU A 225 -10.14 -8.15 -21.45
N GLN A 226 -10.11 -7.66 -20.21
CA GLN A 226 -10.97 -8.15 -19.17
C GLN A 226 -11.73 -6.97 -18.57
N ILE A 227 -13.06 -7.09 -18.54
N ILE A 227 -13.04 -7.08 -18.51
CA ILE A 227 -13.94 -6.03 -18.07
CA ILE A 227 -13.86 -5.99 -17.99
C ILE A 227 -14.92 -6.58 -17.04
C ILE A 227 -14.88 -6.57 -17.03
N SER A 228 -15.18 -5.81 -16.00
CA SER A 228 -16.10 -6.23 -14.98
C SER A 228 -17.52 -5.94 -15.38
N LEU A 229 -18.44 -6.77 -14.92
CA LEU A 229 -19.85 -6.49 -15.12
C LEU A 229 -20.17 -5.16 -14.43
N LYS A 230 -19.49 -4.82 -13.33
CA LYS A 230 -19.67 -3.53 -12.74
C LYS A 230 -19.54 -2.38 -13.76
N GLU A 231 -18.43 -2.38 -14.49
CA GLU A 231 -18.15 -1.34 -15.47
C GLU A 231 -19.17 -1.30 -16.60
N LEU A 232 -19.48 -2.46 -17.15
CA LEU A 232 -20.42 -2.54 -18.24
C LEU A 232 -21.77 -2.00 -17.83
N ASP A 233 -22.28 -2.52 -16.72
CA ASP A 233 -23.58 -2.13 -16.19
C ASP A 233 -23.62 -0.63 -15.92
N PHE A 234 -22.59 -0.13 -15.24
CA PHE A 234 -22.55 1.26 -14.86
C PHE A 234 -22.47 2.19 -16.06
N LYS A 235 -21.49 1.99 -16.93
CA LYS A 235 -21.33 2.85 -18.12
C LYS A 235 -22.54 2.83 -19.05
N LEU A 236 -23.11 1.65 -19.24
CA LEU A 236 -24.27 1.54 -20.12
C LEU A 236 -25.49 2.23 -19.52
N ARG A 237 -25.77 2.04 -18.23
CA ARG A 237 -26.92 2.74 -17.65
C ARG A 237 -26.72 4.22 -17.67
N LYS A 238 -25.51 4.68 -17.38
CA LYS A 238 -25.25 6.10 -17.42
C LYS A 238 -25.54 6.66 -18.84
N GLN A 239 -25.13 5.94 -19.88
CA GLN A 239 -25.35 6.36 -21.26
C GLN A 239 -26.84 6.38 -21.56
N LEU A 240 -27.55 5.36 -21.09
CA LEU A 240 -28.99 5.28 -21.32
C LEU A 240 -29.75 6.43 -20.61
N ILE A 241 -29.26 6.84 -19.44
CA ILE A 241 -29.86 7.99 -18.76
C ILE A 241 -29.59 9.28 -19.57
N GLU A 242 -28.34 9.48 -19.92
CA GLU A 242 -27.94 10.72 -20.59
C GLU A 242 -28.52 10.86 -21.97
N LYS A 243 -28.55 9.78 -22.73
CA LYS A 243 -29.00 9.86 -24.12
C LYS A 243 -30.39 9.38 -24.36
N ASN A 244 -30.91 8.52 -23.50
CA ASN A 244 -32.23 7.99 -23.74
C ASN A 244 -33.23 8.24 -22.63
N ASN A 245 -32.83 9.04 -21.65
CA ASN A 245 -33.70 9.39 -20.53
C ASN A 245 -34.17 8.21 -19.68
N LEU A 246 -33.32 7.18 -19.56
CA LEU A 246 -33.63 6.05 -18.69
C LEU A 246 -33.85 6.62 -17.28
N TYR A 247 -34.84 6.11 -16.56
CA TYR A 247 -35.25 6.57 -15.21
C TYR A 247 -35.89 7.96 -15.16
N GLY A 248 -36.36 8.45 -16.31
CA GLY A 248 -37.11 9.71 -16.39
C GLY A 248 -38.61 9.33 -16.40
N ASN A 249 -39.14 8.88 -17.53
CA ASN A 249 -40.52 8.39 -17.68
C ASN A 249 -40.65 6.90 -17.48
N VAL A 250 -39.65 6.17 -17.95
CA VAL A 250 -39.63 4.70 -17.85
C VAL A 250 -38.32 4.24 -17.26
N GLY A 251 -38.38 3.16 -16.51
CA GLY A 251 -37.20 2.66 -15.82
C GLY A 251 -37.12 1.17 -15.57
N SER A 252 -37.61 0.38 -16.50
N SER A 252 -37.59 0.38 -16.50
CA SER A 252 -37.54 -1.07 -16.36
CA SER A 252 -37.46 -1.07 -16.36
C SER A 252 -37.10 -1.65 -17.70
C SER A 252 -37.01 -1.64 -17.68
N GLY A 253 -36.84 -2.95 -17.71
CA GLY A 253 -36.40 -3.64 -18.90
C GLY A 253 -35.05 -4.29 -18.60
N LYS A 254 -34.26 -4.52 -19.65
CA LYS A 254 -33.00 -5.21 -19.55
C LYS A 254 -31.90 -4.78 -20.53
N ILE A 255 -30.66 -4.96 -20.08
CA ILE A 255 -29.48 -4.82 -20.92
C ILE A 255 -28.94 -6.23 -21.05
N VAL A 256 -28.73 -6.72 -22.27
CA VAL A 256 -28.13 -8.03 -22.48
C VAL A 256 -26.82 -7.90 -23.28
N ILE A 257 -25.75 -8.42 -22.70
CA ILE A 257 -24.45 -8.40 -23.30
C ILE A 257 -24.37 -9.75 -24.00
N LYS A 258 -24.26 -9.73 -25.33
CA LYS A 258 -24.20 -10.96 -26.11
C LYS A 258 -22.77 -11.25 -26.49
N MET A 259 -22.30 -12.47 -26.20
CA MET A 259 -20.90 -12.80 -26.46
C MET A 259 -20.75 -13.55 -27.78
N LYS A 260 -19.54 -13.55 -28.31
CA LYS A 260 -19.30 -14.25 -29.57
C LYS A 260 -19.55 -15.74 -29.48
N ASN A 261 -19.33 -16.34 -28.31
CA ASN A 261 -19.55 -17.78 -28.16
C ASN A 261 -21.01 -18.14 -27.88
N GLY A 262 -21.88 -17.14 -27.91
CA GLY A 262 -23.29 -17.37 -27.66
C GLY A 262 -23.70 -17.07 -26.23
N GLY A 263 -22.75 -16.81 -25.35
CA GLY A 263 -23.05 -16.49 -23.96
C GLY A 263 -23.75 -15.14 -23.84
N LYS A 264 -24.36 -14.89 -22.68
CA LYS A 264 -25.05 -13.61 -22.41
C LYS A 264 -24.90 -13.25 -20.94
N TYR A 265 -25.01 -11.95 -20.64
CA TYR A 265 -24.97 -11.42 -19.29
C TYR A 265 -26.11 -10.42 -19.25
N THR A 266 -27.02 -10.57 -18.30
CA THR A 266 -28.19 -9.72 -18.22
C THR A 266 -28.21 -8.78 -17.03
N PHE A 267 -28.55 -7.51 -17.29
CA PHE A 267 -28.70 -6.52 -16.23
C PHE A 267 -30.17 -6.06 -16.24
N GLU A 268 -30.89 -6.34 -15.15
CA GLU A 268 -32.31 -5.97 -15.03
C GLU A 268 -32.33 -4.51 -14.61
N LEU A 269 -33.01 -3.66 -15.39
CA LEU A 269 -32.95 -2.20 -15.15
C LEU A 269 -33.76 -1.66 -13.97
N HIS A 270 -34.72 -2.42 -13.49
CA HIS A 270 -35.58 -1.94 -12.42
C HIS A 270 -34.95 -1.90 -11.04
N LYS A 271 -33.74 -2.46 -10.90
CA LYS A 271 -32.98 -2.46 -9.64
C LYS A 271 -31.48 -2.41 -9.90
N LYS A 272 -30.70 -2.11 -8.87
N LYS A 272 -30.68 -2.03 -8.90
CA LYS A 272 -29.25 -2.02 -8.99
CA LYS A 272 -29.23 -1.97 -9.09
C LYS A 272 -28.65 -3.37 -9.32
C LYS A 272 -28.67 -3.35 -9.38
N LEU A 273 -27.49 -3.37 -9.97
CA LEU A 273 -26.80 -4.62 -10.25
C LEU A 273 -26.51 -5.27 -8.90
N GLN A 274 -26.74 -6.57 -8.78
CA GLN A 274 -26.50 -7.25 -7.51
C GLN A 274 -25.02 -7.13 -7.15
N GLU A 275 -24.73 -6.81 -5.88
CA GLU A 275 -23.32 -6.57 -5.52
C GLU A 275 -22.31 -7.66 -5.88
N ASN A 276 -22.68 -8.90 -5.65
CA ASN A 276 -21.79 -10.00 -5.95
C ASN A 276 -21.37 -10.00 -7.41
N ARG A 277 -22.28 -9.62 -8.32
CA ARG A 277 -21.98 -9.61 -9.73
C ARG A 277 -21.04 -8.46 -10.14
N MET A 278 -20.88 -7.46 -9.29
CA MET A 278 -19.96 -6.38 -9.57
C MET A 278 -18.52 -6.88 -9.64
N ALA A 279 -18.28 -8.07 -9.08
CA ALA A 279 -16.94 -8.68 -9.13
C ALA A 279 -16.79 -9.69 -10.26
N ASP A 280 -17.87 -10.06 -10.97
CA ASP A 280 -17.75 -10.96 -12.11
C ASP A 280 -17.05 -10.25 -13.26
N VAL A 281 -16.19 -10.97 -13.95
CA VAL A 281 -15.40 -10.38 -15.03
C VAL A 281 -15.55 -11.22 -16.30
N ILE A 282 -15.49 -10.55 -17.45
CA ILE A 282 -15.67 -11.24 -18.72
C ILE A 282 -14.58 -10.80 -19.70
N ASP A 283 -14.49 -11.52 -20.81
CA ASP A 283 -13.55 -11.20 -21.85
C ASP A 283 -14.13 -10.10 -22.74
N GLY A 284 -13.57 -8.91 -22.61
CA GLY A 284 -14.03 -7.73 -23.34
C GLY A 284 -13.91 -7.93 -24.84
N THR A 285 -12.87 -8.62 -25.29
CA THR A 285 -12.68 -8.85 -26.72
C THR A 285 -13.72 -9.82 -27.32
N ASN A 286 -14.42 -10.57 -26.47
N ASN A 286 -14.43 -10.56 -26.47
CA ASN A 286 -15.43 -11.53 -26.92
CA ASN A 286 -15.42 -11.52 -26.94
C ASN A 286 -16.85 -10.98 -26.88
C ASN A 286 -16.85 -10.97 -26.93
N ILE A 287 -17.01 -9.72 -26.54
CA ILE A 287 -18.34 -9.09 -26.54
C ILE A 287 -18.68 -8.89 -28.02
N ASP A 288 -19.84 -9.38 -28.43
CA ASP A 288 -20.27 -9.25 -29.84
C ASP A 288 -21.17 -8.01 -30.01
N ASN A 289 -22.29 -7.97 -29.30
CA ASN A 289 -23.21 -6.84 -29.35
C ASN A 289 -24.00 -6.74 -28.06
N ILE A 290 -24.73 -5.64 -27.90
CA ILE A 290 -25.45 -5.34 -26.70
C ILE A 290 -26.88 -4.97 -27.07
N GLU A 291 -27.83 -5.61 -26.42
CA GLU A 291 -29.23 -5.37 -26.67
C GLU A 291 -29.89 -4.75 -25.46
N VAL A 292 -30.57 -3.64 -25.67
CA VAL A 292 -31.23 -2.92 -24.58
C VAL A 292 -32.71 -2.78 -24.86
N ASN A 293 -33.53 -3.16 -23.88
CA ASN A 293 -34.97 -3.00 -23.99
C ASN A 293 -35.39 -2.22 -22.77
N ILE A 294 -35.98 -1.05 -23.00
CA ILE A 294 -36.47 -0.19 -21.94
C ILE A 294 -37.97 -0.09 -22.05
N LYS A 295 -38.67 -0.19 -20.92
CA LYS A 295 -40.12 -0.15 -20.88
CA LYS A 295 -40.13 -0.06 -20.90
C LYS A 295 -40.62 0.30 -19.50
N ASN B 104 28.60 -12.86 29.97
CA ASN B 104 29.06 -13.93 29.04
C ASN B 104 27.92 -14.42 28.11
N PRO B 105 26.80 -14.92 28.67
CA PRO B 105 25.69 -15.38 27.80
C PRO B 105 24.95 -14.27 27.02
N LYS B 106 24.92 -13.05 27.56
CA LYS B 106 24.24 -11.94 26.88
C LYS B 106 24.95 -11.52 25.59
N PHE B 107 26.26 -11.75 25.51
CA PHE B 107 27.05 -11.36 24.32
C PHE B 107 26.52 -12.02 23.07
N LYS B 108 26.18 -13.32 23.17
CA LYS B 108 25.70 -14.07 21.99
C LYS B 108 24.39 -13.54 21.42
N ASP B 109 23.43 -13.18 22.26
CA ASP B 109 22.18 -12.64 21.76
C ASP B 109 22.46 -11.30 21.05
N LEU B 110 23.34 -10.50 21.61
CA LEU B 110 23.65 -9.21 20.98
C LEU B 110 24.45 -9.38 19.70
N ARG B 111 25.38 -10.31 19.68
CA ARG B 111 26.18 -10.56 18.48
C ARG B 111 25.25 -11.05 17.36
N ALA B 112 24.31 -11.92 17.72
CA ALA B 112 23.33 -12.43 16.73
C ALA B 112 22.43 -11.31 16.16
N TYR B 113 21.90 -10.45 17.03
CA TYR B 113 21.04 -9.37 16.58
C TYR B 113 21.78 -8.40 15.69
N TYR B 114 22.94 -7.96 16.16
CA TYR B 114 23.72 -6.99 15.42
C TYR B 114 24.51 -7.46 14.22
N THR B 115 24.40 -8.77 13.89
CA THR B 115 24.96 -9.33 12.68
C THR B 115 23.83 -9.65 11.68
N LYS B 116 22.58 -9.32 12.01
CA LYS B 116 21.48 -9.56 11.09
C LYS B 116 21.62 -8.76 9.82
N PRO B 117 20.98 -9.23 8.72
CA PRO B 117 21.02 -8.45 7.50
C PRO B 117 20.05 -7.27 7.60
N SER B 118 20.40 -6.17 6.96
CA SER B 118 19.54 -4.98 6.94
C SER B 118 19.15 -4.64 5.50
N LEU B 119 18.10 -3.87 5.36
CA LEU B 119 17.65 -3.42 4.05
C LEU B 119 17.42 -1.93 4.12
N GLU B 120 17.68 -1.25 3.02
CA GLU B 120 17.47 0.20 2.94
C GLU B 120 16.53 0.52 1.83
N PHE B 121 15.40 1.12 2.17
CA PHE B 121 14.41 1.50 1.17
C PHE B 121 14.43 3.03 1.09
N LYS B 122 14.54 3.55 -0.13
N LYS B 122 14.52 3.54 -0.13
CA LYS B 122 14.63 4.99 -0.37
CA LYS B 122 14.59 4.98 -0.35
C LYS B 122 13.47 5.50 -1.22
C LYS B 122 13.43 5.48 -1.18
N ASN B 123 12.97 6.70 -0.89
CA ASN B 123 11.93 7.35 -1.64
C ASN B 123 10.69 6.51 -1.89
N GLU B 124 10.18 5.89 -0.84
CA GLU B 124 8.98 5.07 -0.94
C GLU B 124 7.79 5.84 -0.39
N ILE B 125 6.60 5.24 -0.50
CA ILE B 125 5.43 5.82 0.13
C ILE B 125 5.10 4.87 1.27
N GLY B 126 4.51 5.43 2.32
CA GLY B 126 4.09 4.69 3.47
C GLY B 126 2.58 4.69 3.44
N ILE B 127 2.00 3.55 3.75
CA ILE B 127 0.57 3.38 3.76
C ILE B 127 0.12 2.94 5.15
N ILE B 128 -0.67 3.78 5.80
CA ILE B 128 -1.17 3.48 7.14
C ILE B 128 -2.70 3.42 7.13
N LEU B 129 -3.22 2.34 7.67
CA LEU B 129 -4.65 2.10 7.79
C LEU B 129 -5.01 2.11 9.24
N LYS B 130 -6.30 2.06 9.56
CA LYS B 130 -6.70 2.00 10.95
C LYS B 130 -6.15 0.69 11.53
N LYS B 131 -6.57 0.36 12.73
CA LYS B 131 -6.20 -0.89 13.33
C LYS B 131 -6.91 -1.06 14.63
N TRP B 132 -6.97 -2.28 15.09
CA TRP B 132 -7.49 -2.59 16.40
C TRP B 132 -6.48 -3.52 17.06
N THR B 133 -5.26 -3.46 16.52
CA THR B 133 -4.13 -4.22 17.00
C THR B 133 -3.41 -3.24 17.91
N THR B 134 -2.92 -3.72 19.06
CA THR B 134 -2.25 -2.83 20.02
C THR B 134 -1.23 -1.90 19.33
N ILE B 135 -0.39 -2.43 18.45
CA ILE B 135 0.59 -1.59 17.78
C ILE B 135 0.13 -1.19 16.38
N ARG B 136 0.71 -0.11 15.87
CA ARG B 136 0.37 0.39 14.56
C ARG B 136 1.54 0.18 13.64
N PHE B 137 1.25 0.09 12.34
CA PHE B 137 2.31 -0.11 11.36
C PHE B 137 2.26 0.80 10.16
N MET B 138 3.42 1.20 9.68
CA MET B 138 3.45 1.84 8.40
C MET B 138 3.74 0.71 7.43
N ASN B 139 2.90 0.51 6.42
CA ASN B 139 3.14 -0.53 5.44
C ASN B 139 3.96 0.04 4.29
N VAL B 140 5.02 -0.65 3.91
CA VAL B 140 5.88 -0.17 2.82
C VAL B 140 6.02 -1.30 1.83
N VAL B 141 5.80 -1.00 0.55
CA VAL B 141 5.84 -2.02 -0.48
C VAL B 141 6.80 -1.58 -1.59
N PRO B 142 8.09 -1.79 -1.37
CA PRO B 142 9.08 -1.37 -2.34
C PRO B 142 9.03 -2.14 -3.65
N ASP B 143 8.75 -3.44 -3.58
CA ASP B 143 8.67 -4.22 -4.79
C ASP B 143 7.37 -5.05 -4.76
N TYR B 144 7.39 -6.31 -4.36
CA TYR B 144 6.15 -7.09 -4.39
C TYR B 144 5.78 -7.75 -3.07
N PHE B 145 6.39 -7.27 -2.00
CA PHE B 145 6.08 -7.73 -0.64
C PHE B 145 5.85 -6.56 0.29
N ILE B 146 4.95 -6.79 1.25
CA ILE B 146 4.59 -5.81 2.25
C ILE B 146 5.51 -5.89 3.47
N TYR B 147 6.17 -4.78 3.78
CA TYR B 147 6.99 -4.67 4.96
C TYR B 147 6.16 -3.89 5.98
N LYS B 148 6.03 -4.46 7.18
CA LYS B 148 5.29 -3.89 8.29
C LYS B 148 6.26 -3.22 9.24
N ILE B 149 6.28 -1.89 9.21
CA ILE B 149 7.17 -1.13 10.07
C ILE B 149 6.43 -0.63 11.30
N ALA B 150 6.81 -1.12 12.47
CA ALA B 150 6.17 -0.72 13.69
C ALA B 150 6.39 0.75 13.99
N LEU B 151 5.30 1.44 14.34
CA LEU B 151 5.32 2.86 14.71
C LEU B 151 5.48 3.01 16.23
N VAL B 152 6.71 3.24 16.67
CA VAL B 152 7.04 3.33 18.09
C VAL B 152 7.53 4.74 18.43
N GLY B 153 7.67 5.05 19.71
CA GLY B 153 8.14 6.38 20.09
C GLY B 153 7.42 7.53 19.40
N LYS B 154 8.19 8.49 18.89
CA LYS B 154 7.64 9.68 18.24
C LYS B 154 6.92 9.39 16.95
N ASP B 155 7.16 8.24 16.33
CA ASP B 155 6.50 7.91 15.08
C ASP B 155 4.99 7.71 15.17
N ASP B 156 4.48 7.31 16.33
CA ASP B 156 3.05 7.08 16.48
C ASP B 156 2.27 8.34 16.14
N LYS B 157 2.59 9.43 16.81
CA LYS B 157 1.92 10.69 16.56
C LYS B 157 2.34 11.32 15.25
N LYS B 158 3.55 11.03 14.82
CA LYS B 158 4.08 11.61 13.59
C LYS B 158 3.32 11.19 12.33
N TYR B 159 2.86 9.94 12.27
CA TYR B 159 2.19 9.46 11.08
C TYR B 159 0.81 8.92 11.36
N GLY B 160 -0.21 9.63 10.87
CA GLY B 160 -1.61 9.22 11.03
C GLY B 160 -2.00 8.33 9.87
N GLU B 161 -3.29 8.02 9.77
CA GLU B 161 -3.77 7.19 8.71
C GLU B 161 -3.56 7.90 7.41
N GLY B 162 -3.29 7.14 6.35
CA GLY B 162 -3.11 7.74 5.04
C GLY B 162 -1.84 7.35 4.34
N VAL B 163 -1.49 8.13 3.33
CA VAL B 163 -0.31 7.86 2.53
C VAL B 163 0.74 8.87 2.92
N HIS B 164 1.97 8.40 3.10
CA HIS B 164 3.08 9.28 3.46
C HIS B 164 4.13 9.17 2.37
N ARG B 165 4.44 10.31 1.79
CA ARG B 165 5.38 10.45 0.69
C ARG B 165 6.77 10.71 1.20
N ASN B 166 7.76 10.47 0.34
CA ASN B 166 9.15 10.73 0.70
C ASN B 166 9.59 10.07 1.98
N VAL B 167 9.40 8.76 2.09
N VAL B 167 9.44 8.76 1.99
CA VAL B 167 9.88 8.08 3.27
CA VAL B 167 9.77 7.91 3.12
C VAL B 167 10.97 7.10 2.90
C VAL B 167 10.99 7.05 2.84
N ASP B 168 12.00 7.09 3.74
CA ASP B 168 13.13 6.20 3.64
C ASP B 168 12.99 5.30 4.87
N VAL B 169 13.38 4.03 4.76
CA VAL B 169 13.31 3.14 5.90
C VAL B 169 14.56 2.28 5.99
N PHE B 170 15.11 2.24 7.18
CA PHE B 170 16.21 1.36 7.50
C PHE B 170 15.50 0.23 8.23
N VAL B 171 15.57 -0.94 7.60
CA VAL B 171 14.87 -2.13 7.98
C VAL B 171 15.78 -3.25 8.48
N VAL B 172 15.40 -3.84 9.61
CA VAL B 172 16.07 -5.02 10.17
C VAL B 172 14.93 -5.94 10.54
N LEU B 173 14.72 -6.96 9.72
CA LEU B 173 13.65 -7.89 9.98
C LEU B 173 13.95 -8.66 11.27
N GLU B 174 12.95 -8.81 12.11
CA GLU B 174 13.15 -9.55 13.35
C GLU B 174 11.88 -10.26 13.77
N GLU B 175 12.04 -11.26 14.63
N GLU B 175 12.06 -11.20 14.69
CA GLU B 175 10.88 -12.02 15.10
CA GLU B 175 10.95 -11.99 15.25
C GLU B 175 9.97 -11.10 15.90
C GLU B 175 9.96 -11.07 15.93
N ASN B 176 8.73 -11.54 16.10
CA ASN B 176 7.73 -10.74 16.77
C ASN B 176 6.60 -11.62 17.27
N ASN B 177 5.70 -11.04 18.06
CA ASN B 177 4.59 -11.81 18.64
C ASN B 177 3.39 -11.96 17.74
N TYR B 178 3.43 -11.39 16.56
CA TYR B 178 2.29 -11.45 15.66
C TYR B 178 2.44 -12.39 14.48
N ASN B 179 3.50 -13.22 14.50
CA ASN B 179 3.78 -14.15 13.38
C ASN B 179 3.91 -13.42 12.05
N LEU B 180 4.38 -12.17 12.08
CA LEU B 180 4.57 -11.37 10.88
C LEU B 180 5.89 -11.75 10.26
N GLU B 181 5.89 -11.92 8.93
CA GLU B 181 7.07 -12.37 8.21
C GLU B 181 8.09 -11.28 7.89
N LYS B 182 7.62 -10.05 7.71
CA LYS B 182 8.50 -8.93 7.39
C LYS B 182 8.18 -7.77 8.30
N TYR B 183 8.71 -7.86 9.51
CA TYR B 183 8.46 -6.91 10.58
C TYR B 183 9.76 -6.24 11.01
N SER B 184 9.73 -4.92 11.11
CA SER B 184 10.89 -4.15 11.55
C SER B 184 10.38 -2.99 12.38
N VAL B 185 11.24 -2.47 13.25
CA VAL B 185 10.85 -1.42 14.22
C VAL B 185 11.55 -0.10 13.98
N GLY B 186 10.78 0.97 13.83
CA GLY B 186 11.32 2.32 13.61
C GLY B 186 12.12 2.48 12.33
N GLY B 187 13.19 3.28 12.38
CA GLY B 187 14.02 3.49 11.21
C GLY B 187 13.45 4.25 10.04
N ILE B 188 12.39 5.04 10.27
CA ILE B 188 11.72 5.82 9.23
C ILE B 188 12.21 7.26 9.20
N THR B 189 12.65 7.70 8.04
CA THR B 189 13.13 9.07 7.91
C THR B 189 12.54 9.70 6.65
N LYS B 190 12.76 11.01 6.52
CA LYS B 190 12.34 11.76 5.37
C LYS B 190 13.45 11.64 4.31
N SER B 191 13.07 11.34 3.07
CA SER B 191 14.03 11.20 1.97
C SER B 191 14.85 12.47 1.72
N ASN B 192 16.04 12.29 1.20
CA ASN B 192 16.89 13.43 0.88
C ASN B 192 16.28 14.40 -0.13
N SER B 193 16.47 15.70 0.10
N SER B 193 16.48 15.70 0.12
CA SER B 193 16.06 16.73 -0.86
CA SER B 193 16.07 16.77 -0.77
C SER B 193 17.25 16.96 -1.80
C SER B 193 17.25 17.07 -1.72
N LYS B 194 18.46 16.73 -1.30
CA LYS B 194 19.67 16.94 -2.07
C LYS B 194 20.65 15.83 -1.74
N LYS B 195 21.71 15.72 -2.54
CA LYS B 195 22.69 14.69 -2.28
C LYS B 195 23.60 15.08 -1.14
N VAL B 196 23.96 14.07 -0.35
CA VAL B 196 24.80 14.26 0.82
C VAL B 196 25.95 13.30 0.76
N ASP B 197 27.14 13.83 1.01
CA ASP B 197 28.40 13.08 1.02
CA ASP B 197 28.35 13.03 1.09
C ASP B 197 29.22 13.66 2.17
N HIS B 198 28.94 13.21 3.39
CA HIS B 198 29.58 13.69 4.59
C HIS B 198 30.25 12.49 5.28
N LYS B 199 31.21 12.78 6.14
CA LYS B 199 31.95 11.75 6.85
C LYS B 199 32.20 12.19 8.26
N ALA B 200 32.18 11.21 9.16
CA ALA B 200 32.46 11.44 10.56
C ALA B 200 33.52 10.46 11.03
N GLY B 201 34.59 10.99 11.60
CA GLY B 201 35.65 10.17 12.12
C GLY B 201 35.13 9.41 13.34
N VAL B 202 35.55 8.16 13.44
CA VAL B 202 35.21 7.30 14.58
C VAL B 202 36.50 6.97 15.33
N ARG B 203 36.48 7.15 16.63
CA ARG B 203 37.61 6.81 17.51
C ARG B 203 37.18 5.71 18.46
N ILE B 204 37.93 4.61 18.44
CA ILE B 204 37.59 3.43 19.23
C ILE B 204 38.68 3.12 20.23
N THR B 205 38.26 2.92 21.47
CA THR B 205 39.13 2.50 22.54
C THR B 205 38.52 1.20 23.07
N LYS B 206 39.36 0.18 23.27
CA LYS B 206 38.89 -1.09 23.80
C LYS B 206 39.77 -1.55 24.96
N GLU B 207 39.14 -2.13 25.97
CA GLU B 207 39.85 -2.71 27.10
C GLU B 207 39.35 -4.15 27.20
N ASP B 208 40.25 -5.13 27.03
CA ASP B 208 39.77 -6.54 27.08
C ASP B 208 39.73 -7.04 28.52
N ASN B 209 39.40 -8.31 28.71
N ASN B 209 39.36 -8.30 28.75
CA ASN B 209 39.27 -8.89 30.06
CA ASN B 209 39.24 -8.77 30.14
C ASN B 209 40.54 -8.94 30.88
C ASN B 209 40.55 -8.86 30.92
N LYS B 210 41.69 -8.81 30.23
CA LYS B 210 43.00 -8.82 30.89
C LYS B 210 43.46 -7.40 31.14
N GLY B 211 42.64 -6.42 30.79
CA GLY B 211 43.02 -5.01 30.95
C GLY B 211 43.92 -4.49 29.84
N THR B 212 44.07 -5.26 28.77
CA THR B 212 44.85 -4.79 27.61
C THR B 212 44.06 -3.70 26.87
N ILE B 213 44.68 -2.53 26.70
N ILE B 213 44.70 -2.55 26.69
CA ILE B 213 44.05 -1.40 26.03
CA ILE B 213 44.10 -1.41 26.01
C ILE B 213 44.48 -1.32 24.57
C ILE B 213 44.49 -1.38 24.54
N SER B 214 43.53 -1.16 23.66
CA SER B 214 43.82 -1.03 22.23
C SER B 214 42.98 0.11 21.67
N HIS B 215 43.41 0.63 20.51
CA HIS B 215 42.71 1.69 19.80
C HIS B 215 42.57 1.39 18.34
N ASP B 216 41.57 1.98 17.74
CA ASP B 216 41.31 1.84 16.32
C ASP B 216 40.61 3.11 15.89
N VAL B 217 40.55 3.29 14.57
CA VAL B 217 39.92 4.45 13.97
C VAL B 217 39.25 4.01 12.69
N SER B 218 38.20 4.75 12.31
CA SER B 218 37.55 4.52 11.03
C SER B 218 36.86 5.81 10.63
N GLU B 219 36.25 5.83 9.45
CA GLU B 219 35.49 6.97 8.96
CA GLU B 219 35.48 6.98 9.01
C GLU B 219 34.10 6.49 8.56
N PHE B 220 33.07 7.03 9.20
CA PHE B 220 31.72 6.64 8.94
C PHE B 220 31.12 7.54 7.86
N LYS B 221 30.70 6.94 6.73
CA LYS B 221 30.15 7.71 5.59
C LYS B 221 28.68 8.01 5.80
N ILE B 222 28.31 9.27 5.61
CA ILE B 222 26.95 9.67 5.77
C ILE B 222 26.41 10.21 4.45
N THR B 223 25.38 9.53 3.95
CA THR B 223 24.72 9.89 2.70
C THR B 223 23.24 10.32 2.85
N LYS B 224 22.76 10.41 4.08
CA LYS B 224 21.39 10.82 4.32
C LYS B 224 21.31 12.10 5.14
N GLU B 225 20.42 12.98 4.70
CA GLU B 225 20.17 14.24 5.36
C GLU B 225 19.55 14.01 6.70
N GLN B 226 18.64 13.04 6.77
CA GLN B 226 18.00 12.63 8.02
C GLN B 226 18.25 11.13 8.24
N ILE B 227 18.77 10.79 9.40
CA ILE B 227 19.13 9.41 9.72
C ILE B 227 18.56 8.99 11.08
N SER B 228 18.08 7.75 11.16
CA SER B 228 17.50 7.29 12.40
C SER B 228 18.59 6.77 13.32
N LEU B 229 18.32 6.86 14.62
CA LEU B 229 19.26 6.30 15.58
C LEU B 229 19.31 4.81 15.35
N LYS B 230 18.22 4.20 14.88
CA LYS B 230 18.27 2.77 14.58
C LYS B 230 19.43 2.43 13.62
N GLU B 231 19.54 3.21 12.55
CA GLU B 231 20.57 2.98 11.53
C GLU B 231 21.99 3.17 12.08
N LEU B 232 22.19 4.27 12.79
CA LEU B 232 23.50 4.57 13.37
C LEU B 232 23.90 3.47 14.34
N ASP B 233 22.98 3.15 15.24
CA ASP B 233 23.26 2.12 16.24
C ASP B 233 23.60 0.78 15.58
N PHE B 234 22.81 0.38 14.58
CA PHE B 234 22.96 -0.90 13.97
C PHE B 234 24.25 -1.03 13.14
N LYS B 235 24.49 -0.05 12.30
CA LYS B 235 25.66 -0.10 11.43
C LYS B 235 26.96 -0.02 12.24
N LEU B 236 26.97 0.83 13.23
CA LEU B 236 28.17 0.96 14.06
C LEU B 236 28.46 -0.31 14.86
N ARG B 237 27.46 -0.92 15.48
CA ARG B 237 27.72 -2.15 16.21
C ARG B 237 28.13 -3.27 15.28
N LYS B 238 27.49 -3.37 14.13
CA LYS B 238 27.89 -4.39 13.17
C LYS B 238 29.36 -4.22 12.83
N GLN B 239 29.80 -2.99 12.60
CA GLN B 239 31.21 -2.71 12.31
C GLN B 239 32.12 -3.10 13.48
N LEU B 240 31.73 -2.75 14.68
CA LEU B 240 32.55 -3.06 15.85
C LEU B 240 32.65 -4.59 16.05
N ILE B 241 31.62 -5.33 15.66
CA ILE B 241 31.71 -6.77 15.77
C ILE B 241 32.71 -7.30 14.79
N GLU B 242 32.52 -6.88 13.55
CA GLU B 242 33.36 -7.29 12.42
CA GLU B 242 33.34 -7.34 12.46
C GLU B 242 34.80 -6.93 12.61
N LYS B 243 35.05 -5.69 12.98
CA LYS B 243 36.41 -5.20 13.06
C LYS B 243 37.07 -5.22 14.41
N ASN B 244 36.30 -5.17 15.48
CA ASN B 244 36.88 -5.06 16.80
C ASN B 244 36.47 -6.18 17.74
N ASN B 245 35.80 -7.20 17.18
CA ASN B 245 35.34 -8.35 17.95
C ASN B 245 34.41 -8.01 19.11
N LEU B 246 33.63 -6.95 18.95
CA LEU B 246 32.62 -6.60 19.94
C LEU B 246 31.74 -7.84 20.14
N TYR B 247 31.43 -8.14 21.39
CA TYR B 247 30.60 -9.27 21.80
C TYR B 247 31.34 -10.60 21.69
N GLY B 248 32.67 -10.55 21.57
CA GLY B 248 33.51 -11.75 21.55
C GLY B 248 34.05 -11.89 22.95
N ASN B 249 35.10 -11.11 23.18
N ASN B 249 35.13 -11.19 23.29
CA ASN B 249 35.87 -11.01 24.41
CA ASN B 249 35.66 -11.23 24.69
C ASN B 249 35.17 -10.17 25.50
C ASN B 249 34.97 -10.22 25.59
N VAL B 250 34.61 -9.05 25.05
CA VAL B 250 33.93 -8.05 25.88
C VAL B 250 32.71 -7.54 25.14
N GLY B 251 31.69 -7.09 25.90
CA GLY B 251 30.45 -6.66 25.28
C GLY B 251 29.72 -5.52 25.95
N SER B 252 30.46 -4.57 26.49
CA SER B 252 29.82 -3.43 27.13
C SER B 252 30.51 -2.14 26.72
N GLY B 253 30.09 -1.02 27.29
CA GLY B 253 30.66 0.23 26.91
C GLY B 253 29.63 1.13 26.22
N LYS B 254 30.11 2.09 25.44
N LYS B 254 30.13 2.08 25.44
CA LYS B 254 29.22 3.05 24.80
CA LYS B 254 29.25 3.06 24.81
C LYS B 254 29.72 3.61 23.48
C LYS B 254 29.72 3.51 23.43
N ILE B 255 28.75 3.92 22.62
CA ILE B 255 28.98 4.56 21.37
C ILE B 255 28.38 5.96 21.67
N VAL B 256 29.13 7.00 21.40
CA VAL B 256 28.58 8.33 21.58
C VAL B 256 28.71 9.08 20.27
N ILE B 257 27.56 9.52 19.74
CA ILE B 257 27.50 10.31 18.53
C ILE B 257 27.56 11.79 18.95
N LYS B 258 28.59 12.52 18.52
CA LYS B 258 28.76 13.92 18.87
C LYS B 258 28.39 14.82 17.69
N MET B 259 27.50 15.77 17.95
CA MET B 259 27.00 16.66 16.91
C MET B 259 27.80 17.96 16.79
N LYS B 260 27.75 18.57 15.63
CA LYS B 260 28.44 19.84 15.43
C LYS B 260 28.10 20.86 16.54
N ASN B 261 26.86 20.82 17.05
CA ASN B 261 26.42 21.75 18.12
C ASN B 261 26.74 21.30 19.56
N GLY B 262 27.55 20.26 19.69
CA GLY B 262 27.96 19.74 20.97
C GLY B 262 26.98 18.76 21.58
N GLY B 263 25.82 18.59 20.96
CA GLY B 263 24.84 17.63 21.45
C GLY B 263 25.35 16.22 21.31
N LYS B 264 24.71 15.26 21.98
CA LYS B 264 25.14 13.86 21.90
C LYS B 264 24.00 12.86 21.98
N TYR B 265 24.22 11.67 21.41
CA TYR B 265 23.26 10.58 21.43
C TYR B 265 24.11 9.39 21.87
N THR B 266 23.68 8.68 22.90
CA THR B 266 24.43 7.58 23.46
C THR B 266 23.79 6.21 23.28
N PHE B 267 24.58 5.24 22.80
CA PHE B 267 24.11 3.87 22.69
C PHE B 267 24.92 3.03 23.68
N GLU B 268 24.22 2.45 24.65
CA GLU B 268 24.84 1.59 25.64
C GLU B 268 25.00 0.21 25.04
N LEU B 269 26.24 -0.29 24.97
CA LEU B 269 26.54 -1.53 24.25
C LEU B 269 26.15 -2.82 24.94
N HIS B 270 25.88 -2.77 26.25
CA HIS B 270 25.56 -4.01 26.99
C HIS B 270 24.14 -4.51 26.78
N LYS B 271 23.33 -3.74 26.07
CA LYS B 271 21.97 -4.14 25.72
C LYS B 271 21.58 -3.55 24.37
N LYS B 272 20.46 -4.01 23.86
CA LYS B 272 19.96 -3.59 22.57
C LYS B 272 19.49 -2.15 22.72
N LEU B 273 19.53 -1.40 21.64
CA LEU B 273 18.98 -0.05 21.63
C LEU B 273 17.50 -0.13 21.97
N GLN B 274 17.04 0.77 22.82
CA GLN B 274 15.63 0.80 23.24
C GLN B 274 14.73 0.98 22.03
N GLU B 275 13.63 0.24 21.95
CA GLU B 275 12.76 0.36 20.76
C GLU B 275 12.29 1.77 20.46
N ASN B 276 11.82 2.49 21.46
CA ASN B 276 11.34 3.84 21.21
C ASN B 276 12.38 4.72 20.52
N ARG B 277 13.66 4.46 20.81
CA ARG B 277 14.75 5.26 20.22
C ARG B 277 15.06 4.90 18.77
N MET B 278 14.64 3.71 18.33
CA MET B 278 14.80 3.33 16.94
C MET B 278 13.99 4.27 16.03
N ALA B 279 13.01 4.97 16.59
CA ALA B 279 12.23 5.94 15.83
C ALA B 279 12.78 7.38 15.89
N ASP B 280 13.76 7.64 16.75
CA ASP B 280 14.35 8.98 16.83
C ASP B 280 15.21 9.20 15.60
N VAL B 281 15.17 10.43 15.09
CA VAL B 281 15.91 10.78 13.88
C VAL B 281 16.72 12.02 14.10
N ILE B 282 17.90 12.08 13.47
CA ILE B 282 18.76 13.28 13.59
C ILE B 282 19.26 13.79 12.25
N ASP B 283 19.79 15.01 12.25
CA ASP B 283 20.35 15.59 11.04
C ASP B 283 21.72 14.96 10.80
N GLY B 284 21.77 14.14 9.77
CA GLY B 284 23.01 13.42 9.43
C GLY B 284 24.16 14.35 9.06
N THR B 285 23.85 15.48 8.44
CA THR B 285 24.91 16.41 8.06
C THR B 285 25.49 17.10 9.29
N ASN B 286 24.83 16.99 10.43
CA ASN B 286 25.32 17.63 11.67
C ASN B 286 26.11 16.71 12.60
N ILE B 287 26.36 15.48 12.16
CA ILE B 287 27.17 14.54 12.94
C ILE B 287 28.62 14.96 12.74
N ASP B 288 29.33 15.19 13.83
CA ASP B 288 30.70 15.64 13.79
C ASP B 288 31.69 14.49 13.90
N ASN B 289 31.59 13.75 15.00
CA ASN B 289 32.48 12.62 15.24
C ASN B 289 31.82 11.60 16.18
N ILE B 290 32.39 10.41 16.23
CA ILE B 290 31.80 9.32 17.00
C ILE B 290 32.87 8.75 17.89
N GLU B 291 32.53 8.60 19.16
CA GLU B 291 33.46 8.09 20.14
C GLU B 291 32.96 6.77 20.68
N VAL B 292 33.80 5.75 20.60
CA VAL B 292 33.43 4.40 21.01
C VAL B 292 34.36 3.90 22.11
N ASN B 293 33.77 3.39 23.19
CA ASN B 293 34.51 2.82 24.30
C ASN B 293 33.99 1.41 24.55
N ILE B 294 34.82 0.40 24.27
CA ILE B 294 34.43 -0.98 24.47
C ILE B 294 35.16 -1.50 25.72
N LYS B 295 34.43 -2.20 26.59
CA LYS B 295 34.98 -2.71 27.83
C LYS B 295 34.13 -3.89 28.31
#